data_7PJG
#
_entry.id   7PJG
#
_cell.length_a   35.620
_cell.length_b   66.610
_cell.length_c   62.970
_cell.angle_alpha   90.00
_cell.angle_beta   90.89
_cell.angle_gamma   90.00
#
_symmetry.space_group_name_H-M   'P 1 21 1'
#
loop_
_entity.id
_entity.type
_entity.pdbx_description
1 polymer 'UDP-3-O-acyl-N-acetylglucosamine deacetylase'
2 non-polymer 'ZINC ION'
3 non-polymer (2R,4R)-N-[[4-(4-cyclopropylbuta-1,3-diynyl)phenyl]methyl]-1-(2-methylpropanoyl)-4-[[(2S,4R)-4-oxidanylpyrrolidin-2-yl]carbonylamino]pyrrolidine-2-carboxamide
4 water water
#
_entity_poly.entity_id   1
_entity_poly.type   'polypeptide(L)'
_entity_poly.pdbx_seq_one_letter_code
;HHHHHHENLYFQSMIKQRTLKNIIRATGVGLHSGEKVYLTLKPAPVDTGIVFSRTDLDPVVEIPARAENVGETTMSTTLV
KGDVKVDTVEHLLSAMAGLGIDNAYVELSASEVPIMDGSAGPFVFLIQSAGLQEQEAAKKFIRIKREVSVEEGDKRAVFV
PFDGFKVSFEIDFDHPVFRGRTQQASVDFSSTSFVKEVSRARTFGFMRDIEYLRSQNLALGGSVENAIVVDENRVLNEDG
LRYEDEFVKHKILDAIGDLYLLGNSLIGEFRGFKSGHALNNQLLRTLIADKDAWEVVTFEDARTAPISYMRP
;
_entity_poly.pdbx_strand_id   A
#
# COMPACT_ATOMS: atom_id res chain seq x y z
CA MET A 14 5.84 -21.05 -14.53
C MET A 14 5.18 -19.73 -14.05
N ILE A 15 5.25 -19.38 -12.78
CA ILE A 15 4.73 -18.05 -12.33
C ILE A 15 5.73 -16.97 -12.76
N LYS A 16 5.31 -16.13 -13.70
CA LYS A 16 6.16 -15.16 -14.43
C LYS A 16 5.97 -13.76 -13.84
N GLN A 17 7.00 -12.93 -13.96
CA GLN A 17 6.88 -11.48 -13.61
C GLN A 17 5.82 -10.86 -14.52
N ARG A 18 5.21 -9.77 -14.05
CA ARG A 18 4.21 -8.98 -14.80
C ARG A 18 4.58 -7.50 -14.77
N THR A 19 4.31 -6.81 -15.87
CA THR A 19 4.28 -5.34 -15.93
C THR A 19 2.93 -4.95 -16.51
N LEU A 20 2.72 -3.67 -16.76
CA LEU A 20 1.52 -3.14 -17.45
C LEU A 20 1.60 -3.45 -18.96
N LYS A 21 0.45 -3.70 -19.59
CA LYS A 21 0.36 -3.89 -21.06
C LYS A 21 0.48 -2.52 -21.74
N ASN A 22 0.00 -1.45 -21.10
CA ASN A 22 -0.10 -0.10 -21.69
C ASN A 22 0.18 0.96 -20.63
N ILE A 23 0.60 2.13 -21.07
CA ILE A 23 0.78 3.33 -20.21
C ILE A 23 -0.59 3.78 -19.68
N ILE A 24 -0.63 4.20 -18.41
CA ILE A 24 -1.84 4.77 -17.73
C ILE A 24 -1.49 6.15 -17.21
N ARG A 25 -2.31 7.15 -17.50
CA ARG A 25 -2.17 8.55 -17.05
C ARG A 25 -3.32 8.82 -16.08
N ALA A 26 -3.08 9.53 -14.99
CA ALA A 26 -4.14 10.04 -14.09
C ALA A 26 -3.74 11.39 -13.51
N THR A 27 -4.74 12.13 -13.04
CA THR A 27 -4.61 13.48 -12.43
C THR A 27 -5.33 13.46 -11.09
N GLY A 28 -4.79 14.19 -10.11
CA GLY A 28 -5.38 14.26 -8.78
C GLY A 28 -4.67 15.27 -7.90
N VAL A 29 -5.00 15.24 -6.61
CA VAL A 29 -4.44 16.17 -5.60
C VAL A 29 -3.71 15.33 -4.57
N GLY A 30 -2.59 15.85 -4.07
CA GLY A 30 -1.88 15.30 -2.90
C GLY A 30 -2.70 15.51 -1.63
N LEU A 31 -2.99 14.42 -0.91
CA LEU A 31 -3.78 14.50 0.35
C LEU A 31 -3.11 15.56 1.24
N HIS A 32 -1.81 15.47 1.41
CA HIS A 32 -1.07 16.30 2.38
C HIS A 32 -0.70 17.65 1.77
N SER A 33 -0.12 17.69 0.57
CA SER A 33 0.43 18.92 -0.05
C SER A 33 -0.67 19.84 -0.60
N GLY A 34 -1.83 19.26 -0.98
CA GLY A 34 -2.85 19.97 -1.76
C GLY A 34 -2.43 20.27 -3.20
N GLU A 35 -1.33 19.69 -3.70
CA GLU A 35 -0.81 20.04 -5.06
C GLU A 35 -1.51 19.18 -6.11
N LYS A 36 -1.86 19.80 -7.24
CA LYS A 36 -2.28 19.08 -8.47
C LYS A 36 -1.07 18.27 -8.93
N VAL A 37 -1.28 17.03 -9.31
CA VAL A 37 -0.17 16.13 -9.72
C VAL A 37 -0.68 15.28 -10.90
N TYR A 38 0.13 15.22 -11.96
CA TYR A 38 -0.08 14.33 -13.13
C TYR A 38 0.71 13.06 -12.85
N LEU A 39 0.05 11.91 -12.95
CA LEU A 39 0.65 10.58 -12.69
C LEU A 39 0.68 9.82 -14.02
N THR A 40 1.79 9.18 -14.33
CA THR A 40 1.92 8.22 -15.46
C THR A 40 2.51 6.89 -14.96
N LEU A 41 1.77 5.79 -15.15
CA LEU A 41 2.31 4.41 -14.92
C LEU A 41 2.82 3.86 -16.25
N LYS A 42 4.10 3.48 -16.32
CA LYS A 42 4.71 2.93 -17.56
C LYS A 42 5.15 1.49 -17.35
N PRO A 43 4.99 0.62 -18.38
CA PRO A 43 5.61 -0.70 -18.37
C PRO A 43 7.11 -0.57 -18.06
N ALA A 44 7.72 -1.65 -17.56
CA ALA A 44 9.13 -1.70 -17.10
C ALA A 44 9.69 -3.09 -17.38
N PRO A 45 11.00 -3.20 -17.68
CA PRO A 45 11.65 -4.49 -17.87
C PRO A 45 11.66 -5.38 -16.62
N VAL A 46 11.82 -6.68 -16.86
CA VAL A 46 12.13 -7.74 -15.87
C VAL A 46 13.10 -7.18 -14.81
N ASP A 47 12.80 -7.42 -13.53
CA ASP A 47 13.67 -7.15 -12.35
C ASP A 47 13.94 -5.65 -12.21
N THR A 48 13.10 -4.79 -12.77
CA THR A 48 13.10 -3.33 -12.51
C THR A 48 12.66 -3.08 -11.07
N GLY A 49 11.57 -3.74 -10.66
CA GLY A 49 10.77 -3.38 -9.47
C GLY A 49 9.85 -2.23 -9.79
N ILE A 50 9.32 -1.60 -8.76
CA ILE A 50 8.53 -0.34 -8.80
C ILE A 50 9.52 0.80 -8.54
N VAL A 51 9.65 1.72 -9.49
CA VAL A 51 10.54 2.90 -9.40
C VAL A 51 9.69 4.16 -9.53
N PHE A 52 9.74 5.06 -8.55
CA PHE A 52 9.09 6.40 -8.60
C PHE A 52 10.04 7.41 -9.23
N SER A 53 9.51 8.29 -10.07
CA SER A 53 10.26 9.34 -10.81
C SER A 53 9.56 10.69 -10.68
N ARG A 54 10.31 11.68 -10.22
CA ARG A 54 9.88 13.09 -10.12
C ARG A 54 10.31 13.79 -11.43
N THR A 55 9.42 13.83 -12.42
CA THR A 55 9.69 14.38 -13.77
C THR A 55 9.61 15.91 -13.75
N ASP A 56 9.15 16.52 -12.64
CA ASP A 56 9.09 18.00 -12.51
C ASP A 56 10.51 18.56 -12.27
N LEU A 57 11.47 17.71 -11.91
CA LEU A 57 12.87 18.10 -11.59
C LEU A 57 13.77 17.82 -12.78
N ASP A 58 14.74 18.70 -13.01
CA ASP A 58 15.81 18.57 -14.04
C ASP A 58 17.14 18.56 -13.31
N PRO A 59 17.85 17.40 -13.25
CA PRO A 59 17.39 16.16 -13.88
C PRO A 59 16.35 15.43 -13.02
N VAL A 60 15.57 14.57 -13.67
CA VAL A 60 14.59 13.62 -13.07
C VAL A 60 15.31 12.86 -11.94
N VAL A 61 14.63 12.70 -10.80
CA VAL A 61 15.07 11.86 -9.65
C VAL A 61 14.13 10.65 -9.60
N GLU A 62 14.72 9.45 -9.70
CA GLU A 62 14.06 8.14 -9.54
C GLU A 62 14.41 7.61 -8.15
N ILE A 63 13.42 7.12 -7.40
CA ILE A 63 13.60 6.43 -6.10
C ILE A 63 12.93 5.07 -6.22
N PRO A 64 13.69 3.95 -6.22
CA PRO A 64 13.11 2.62 -6.14
C PRO A 64 12.28 2.52 -4.85
N ALA A 65 11.11 1.90 -4.94
CA ALA A 65 10.15 1.71 -3.83
C ALA A 65 10.63 0.53 -3.00
N ARG A 66 11.67 0.77 -2.20
CA ARG A 66 12.35 -0.27 -1.42
C ARG A 66 12.46 0.23 0.03
N ALA A 67 12.46 -0.68 1.00
CA ALA A 67 12.45 -0.36 2.45
C ALA A 67 13.60 0.60 2.77
N GLU A 68 14.78 0.42 2.18
CA GLU A 68 15.98 1.27 2.43
C GLU A 68 15.76 2.74 2.02
N ASN A 69 14.73 3.08 1.26
CA ASN A 69 14.56 4.44 0.67
C ASN A 69 13.41 5.15 1.36
N VAL A 70 12.86 4.54 2.41
CA VAL A 70 11.71 5.08 3.18
C VAL A 70 12.18 6.23 4.09
N GLY A 71 11.65 7.44 3.88
CA GLY A 71 11.91 8.62 4.74
C GLY A 71 11.28 8.48 6.12
N GLU A 72 11.81 9.20 7.11
CA GLU A 72 11.30 9.21 8.51
C GLU A 72 9.96 9.95 8.50
N THR A 73 8.85 9.21 8.59
CA THR A 73 7.50 9.70 8.20
C THR A 73 6.45 9.18 9.18
N THR A 74 5.59 10.08 9.64
CA THR A 74 4.56 9.85 10.67
C THR A 74 3.20 9.60 9.99
N MET A 75 2.74 10.49 9.12
CA MET A 75 1.46 10.35 8.36
C MET A 75 1.59 9.15 7.40
N SER A 76 2.14 9.37 6.20
CA SER A 76 2.13 8.38 5.09
C SER A 76 3.52 7.75 4.91
N THR A 77 3.65 6.86 3.94
CA THR A 77 4.96 6.29 3.56
C THR A 77 5.60 7.23 2.54
N THR A 78 6.78 7.75 2.85
CA THR A 78 7.50 8.71 1.99
C THR A 78 8.78 8.03 1.54
N LEU A 79 9.11 8.10 0.26
CA LEU A 79 10.44 7.70 -0.24
C LEU A 79 11.29 8.96 -0.28
N VAL A 80 12.59 8.81 -0.07
CA VAL A 80 13.56 9.96 -0.06
C VAL A 80 14.82 9.55 -0.81
N LYS A 81 15.48 10.52 -1.42
CA LYS A 81 16.85 10.43 -2.00
C LYS A 81 17.37 11.87 -2.00
N GLY A 82 18.44 12.14 -1.26
CA GLY A 82 18.91 13.52 -1.02
C GLY A 82 17.84 14.30 -0.29
N ASP A 83 17.42 15.46 -0.80
CA ASP A 83 16.27 16.21 -0.23
C ASP A 83 15.08 16.18 -1.19
N VAL A 84 15.06 15.24 -2.13
CA VAL A 84 13.89 14.90 -2.97
C VAL A 84 13.04 13.86 -2.21
N LYS A 85 11.72 14.02 -2.26
CA LYS A 85 10.81 13.03 -1.64
C LYS A 85 9.69 12.68 -2.62
N VAL A 86 9.13 11.49 -2.45
CA VAL A 86 7.80 11.08 -3.00
C VAL A 86 6.92 10.70 -1.80
N ASP A 87 5.86 11.45 -1.54
CA ASP A 87 4.93 11.26 -0.41
C ASP A 87 3.77 10.32 -0.81
N THR A 88 3.25 9.62 0.18
CA THR A 88 1.96 8.89 0.10
C THR A 88 2.00 7.85 -1.03
N VAL A 89 2.97 6.93 -0.96
CA VAL A 89 3.12 5.83 -1.96
C VAL A 89 2.25 4.62 -1.62
N GLU A 90 1.68 4.53 -0.41
CA GLU A 90 1.16 3.25 0.16
C GLU A 90 -0.07 2.75 -0.63
N HIS A 91 -0.99 3.60 -1.06
CA HIS A 91 -2.23 3.19 -1.77
C HIS A 91 -1.94 2.66 -3.18
N LEU A 92 -1.07 3.33 -3.91
CA LEU A 92 -0.66 2.90 -5.26
C LEU A 92 0.09 1.57 -5.15
N LEU A 93 1.04 1.48 -4.23
CA LEU A 93 1.85 0.24 -4.05
C LEU A 93 0.92 -0.89 -3.62
N SER A 94 -0.08 -0.57 -2.80
CA SER A 94 -1.16 -1.51 -2.41
C SER A 94 -1.83 -2.09 -3.66
N ALA A 95 -2.28 -1.19 -4.57
CA ALA A 95 -2.91 -1.52 -5.87
C ALA A 95 -2.00 -2.44 -6.68
N MET A 96 -0.72 -2.08 -6.79
CA MET A 96 0.24 -2.90 -7.55
C MET A 96 0.44 -4.27 -6.91
N ALA A 97 0.52 -4.31 -5.57
CA ALA A 97 0.68 -5.55 -4.78
C ALA A 97 -0.53 -6.46 -5.02
N GLY A 98 -1.73 -5.88 -4.98
CA GLY A 98 -3.01 -6.59 -5.12
C GLY A 98 -3.18 -7.23 -6.47
N LEU A 99 -2.62 -6.64 -7.54
CA LEU A 99 -2.69 -7.20 -8.91
C LEU A 99 -1.40 -7.97 -9.28
N GLY A 100 -0.42 -8.05 -8.37
CA GLY A 100 0.87 -8.74 -8.59
C GLY A 100 1.74 -8.11 -9.67
N ILE A 101 1.76 -6.78 -9.76
CA ILE A 101 2.71 -6.03 -10.66
C ILE A 101 4.11 -6.05 -10.04
N ASP A 102 5.08 -6.62 -10.76
CA ASP A 102 6.49 -6.73 -10.36
C ASP A 102 7.23 -5.46 -10.78
N ASN A 103 6.97 -5.00 -11.99
CA ASN A 103 7.86 -4.02 -12.68
C ASN A 103 6.99 -2.88 -13.22
N ALA A 104 7.31 -1.64 -12.88
CA ALA A 104 6.60 -0.43 -13.39
C ALA A 104 7.37 0.82 -12.99
N TYR A 105 7.40 1.80 -13.90
CA TYR A 105 7.89 3.19 -13.65
C TYR A 105 6.66 4.00 -13.26
N VAL A 106 6.74 4.75 -12.16
CA VAL A 106 5.64 5.65 -11.71
C VAL A 106 6.17 7.08 -11.85
N GLU A 107 5.62 7.84 -12.81
CA GLU A 107 5.99 9.25 -13.04
C GLU A 107 5.01 10.18 -12.31
N LEU A 108 5.53 11.23 -11.70
CA LEU A 108 4.78 12.27 -10.95
C LEU A 108 5.34 13.65 -11.32
N SER A 109 4.46 14.63 -11.52
CA SER A 109 4.78 16.06 -11.74
C SER A 109 4.99 16.79 -10.42
N ALA A 110 4.78 16.16 -9.26
CA ALA A 110 4.99 16.79 -7.92
C ALA A 110 5.38 15.73 -6.89
N SER A 111 5.62 16.14 -5.65
CA SER A 111 6.25 15.31 -4.58
C SER A 111 5.27 14.23 -4.08
N GLU A 112 3.99 14.34 -4.35
CA GLU A 112 3.01 13.47 -3.68
C GLU A 112 2.16 12.73 -4.71
N VAL A 113 2.02 11.41 -4.53
CA VAL A 113 1.04 10.57 -5.28
C VAL A 113 -0.36 11.15 -5.10
N PRO A 114 -1.18 11.26 -6.16
CA PRO A 114 -2.54 11.76 -6.01
C PRO A 114 -3.42 10.78 -5.23
N ILE A 115 -4.31 11.34 -4.42
CA ILE A 115 -5.08 10.58 -3.41
C ILE A 115 -6.33 9.99 -4.07
N MET A 116 -6.76 10.52 -5.21
CA MET A 116 -7.95 9.97 -5.91
C MET A 116 -9.12 9.97 -4.91
N ASP A 117 -9.81 8.85 -4.65
CA ASP A 117 -10.97 8.83 -3.72
C ASP A 117 -10.56 8.42 -2.28
N GLY A 118 -9.26 8.38 -1.98
CA GLY A 118 -8.75 7.96 -0.66
C GLY A 118 -8.48 6.46 -0.57
N SER A 119 -8.89 5.66 -1.58
CA SER A 119 -8.68 4.18 -1.61
C SER A 119 -7.74 3.80 -2.76
N ALA A 120 -7.57 2.50 -2.97
CA ALA A 120 -6.75 1.95 -4.07
C ALA A 120 -7.65 1.66 -5.30
N GLY A 121 -8.97 1.88 -5.19
CA GLY A 121 -9.94 1.49 -6.23
C GLY A 121 -9.60 2.07 -7.60
N PRO A 122 -9.47 3.42 -7.68
CA PRO A 122 -9.12 4.07 -8.95
C PRO A 122 -7.83 3.49 -9.57
N PHE A 123 -6.81 3.21 -8.77
CA PHE A 123 -5.51 2.69 -9.28
C PHE A 123 -5.72 1.30 -9.87
N VAL A 124 -6.40 0.44 -9.14
CA VAL A 124 -6.62 -0.97 -9.57
C VAL A 124 -7.36 -0.92 -10.91
N PHE A 125 -8.32 0.00 -11.04
CA PHE A 125 -9.16 0.13 -12.26
C PHE A 125 -8.29 0.63 -13.42
N LEU A 126 -7.55 1.72 -13.22
CA LEU A 126 -6.67 2.27 -14.28
C LEU A 126 -5.74 1.16 -14.76
N ILE A 127 -5.14 0.43 -13.83
CA ILE A 127 -4.16 -0.66 -14.13
C ILE A 127 -4.88 -1.78 -14.89
N GLN A 128 -6.04 -2.23 -14.41
CA GLN A 128 -6.76 -3.36 -15.07
C GLN A 128 -7.43 -2.89 -16.37
N SER A 129 -7.59 -1.58 -16.63
CA SER A 129 -8.05 -1.04 -17.93
C SER A 129 -6.91 -1.16 -18.97
N ALA A 130 -5.69 -0.77 -18.60
CA ALA A 130 -4.46 -0.97 -19.40
C ALA A 130 -4.20 -2.46 -19.63
N GLY A 131 -4.49 -3.29 -18.63
CA GLY A 131 -4.22 -4.73 -18.67
C GLY A 131 -2.79 -5.01 -18.30
N LEU A 132 -2.46 -6.25 -18.01
CA LEU A 132 -1.10 -6.65 -17.58
C LEU A 132 -0.40 -7.45 -18.68
N GLN A 133 0.92 -7.54 -18.57
CA GLN A 133 1.84 -8.25 -19.51
C GLN A 133 2.73 -9.18 -18.69
N GLU A 134 2.54 -10.48 -18.81
CA GLU A 134 3.52 -11.50 -18.36
C GLU A 134 4.82 -11.29 -19.12
N GLN A 135 5.94 -11.48 -18.45
CA GLN A 135 7.32 -11.29 -18.96
C GLN A 135 8.07 -12.62 -18.79
N GLU A 136 9.05 -12.86 -19.66
CA GLU A 136 9.83 -14.12 -19.78
C GLU A 136 10.85 -14.21 -18.65
N ALA A 137 10.41 -14.49 -17.43
CA ALA A 137 11.27 -14.49 -16.22
C ALA A 137 10.42 -14.87 -15.01
N ALA A 138 10.97 -15.71 -14.15
CA ALA A 138 10.30 -16.24 -12.94
C ALA A 138 10.01 -15.06 -12.01
N LYS A 139 8.79 -14.99 -11.48
CA LYS A 139 8.45 -14.15 -10.31
C LYS A 139 9.21 -14.71 -9.11
N LYS A 140 9.99 -13.84 -8.45
CA LYS A 140 10.69 -14.15 -7.18
C LYS A 140 9.76 -13.77 -6.03
N PHE A 141 9.64 -14.67 -5.04
CA PHE A 141 8.78 -14.49 -3.85
C PHE A 141 9.68 -14.58 -2.64
N ILE A 142 9.31 -13.86 -1.59
CA ILE A 142 9.93 -13.98 -0.25
C ILE A 142 8.98 -14.80 0.61
N ARG A 143 9.45 -15.98 1.03
CA ARG A 143 8.69 -16.94 1.86
C ARG A 143 9.18 -16.77 3.29
N ILE A 144 8.26 -16.43 4.19
CA ILE A 144 8.48 -16.30 5.66
C ILE A 144 8.71 -17.70 6.21
N LYS A 145 9.89 -17.96 6.78
CA LYS A 145 10.33 -19.27 7.30
C LYS A 145 10.14 -19.33 8.81
N ARG A 146 10.43 -18.20 9.48
CA ARG A 146 10.33 -18.03 10.96
C ARG A 146 9.33 -16.91 11.27
N GLU A 147 8.73 -16.95 12.45
CA GLU A 147 7.96 -15.83 13.02
C GLU A 147 8.93 -14.66 13.26
N VAL A 148 8.49 -13.45 12.98
CA VAL A 148 9.25 -12.20 13.21
C VAL A 148 8.28 -11.18 13.76
N SER A 149 8.54 -10.68 14.96
CA SER A 149 7.67 -9.67 15.59
C SER A 149 8.49 -8.50 16.12
N VAL A 150 7.92 -7.31 16.02
CA VAL A 150 8.40 -6.05 16.65
C VAL A 150 7.23 -5.53 17.49
N GLU A 151 7.53 -4.97 18.65
CA GLU A 151 6.56 -4.18 19.43
C GLU A 151 7.22 -2.84 19.77
N GLU A 152 6.38 -1.87 20.09
CA GLU A 152 6.74 -0.64 20.80
C GLU A 152 5.48 -0.12 21.49
N GLY A 153 5.53 0.07 22.82
CA GLY A 153 4.35 0.30 23.66
C GLY A 153 3.30 -0.78 23.44
N ASP A 154 2.08 -0.39 23.07
CA ASP A 154 0.97 -1.36 22.88
C ASP A 154 0.75 -1.67 21.39
N LYS A 155 1.63 -1.21 20.49
CA LYS A 155 1.58 -1.58 19.05
C LYS A 155 2.42 -2.83 18.81
N ARG A 156 1.92 -3.77 18.00
CA ARG A 156 2.62 -5.01 17.59
C ARG A 156 2.42 -5.20 16.07
N ALA A 157 3.46 -5.69 15.39
CA ALA A 157 3.43 -6.06 13.97
C ALA A 157 4.23 -7.34 13.81
N VAL A 158 3.61 -8.35 13.22
CA VAL A 158 4.16 -9.74 13.20
C VAL A 158 4.09 -10.28 11.78
N PHE A 159 5.11 -11.03 11.40
CA PHE A 159 5.11 -11.95 10.25
C PHE A 159 5.05 -13.38 10.79
N VAL A 160 4.15 -14.20 10.24
CA VAL A 160 4.01 -15.65 10.57
C VAL A 160 4.14 -16.46 9.28
N PRO A 161 4.91 -17.57 9.29
CA PRO A 161 4.92 -18.50 8.16
C PRO A 161 3.48 -18.94 7.85
N PHE A 162 3.16 -18.98 6.57
CA PHE A 162 1.78 -19.23 6.08
C PHE A 162 1.89 -19.54 4.59
N ASP A 163 1.31 -20.66 4.17
CA ASP A 163 1.33 -21.16 2.77
C ASP A 163 0.25 -20.39 1.99
N GLY A 164 0.55 -19.13 1.69
CA GLY A 164 -0.34 -18.21 0.97
C GLY A 164 0.02 -16.77 1.29
N PHE A 165 -0.92 -15.86 1.13
CA PHE A 165 -0.75 -14.47 1.56
C PHE A 165 -1.98 -14.04 2.32
N LYS A 166 -1.80 -13.59 3.56
CA LYS A 166 -2.89 -13.26 4.51
C LYS A 166 -2.50 -12.02 5.33
N VAL A 167 -3.44 -11.11 5.54
CA VAL A 167 -3.23 -9.92 6.41
C VAL A 167 -4.38 -9.92 7.42
N SER A 168 -4.03 -9.93 8.70
CA SER A 168 -4.99 -9.67 9.80
C SER A 168 -4.62 -8.32 10.41
N PHE A 169 -5.59 -7.57 10.91
CA PHE A 169 -5.35 -6.27 11.57
C PHE A 169 -6.42 -6.03 12.62
N GLU A 170 -6.01 -5.42 13.73
CA GLU A 170 -6.93 -4.93 14.78
C GLU A 170 -6.53 -3.51 15.12
N ILE A 171 -7.49 -2.61 15.19
CA ILE A 171 -7.30 -1.24 15.73
C ILE A 171 -8.21 -1.09 16.96
N ASP A 172 -8.01 -0.06 17.76
CA ASP A 172 -8.92 0.24 18.90
C ASP A 172 -8.90 1.74 19.18
N PHE A 173 -9.62 2.52 18.39
CA PHE A 173 -9.87 3.95 18.67
C PHE A 173 -10.97 4.01 19.72
N ASP A 174 -10.82 4.86 20.72
CA ASP A 174 -11.89 5.13 21.72
C ASP A 174 -12.74 6.28 21.16
N HIS A 175 -13.68 5.93 20.30
CA HIS A 175 -14.53 6.86 19.53
C HIS A 175 -15.87 6.18 19.30
N PRO A 176 -17.01 6.91 19.45
CA PRO A 176 -18.33 6.35 19.23
C PRO A 176 -18.50 5.62 17.90
N VAL A 177 -17.88 6.13 16.83
CA VAL A 177 -17.99 5.60 15.43
C VAL A 177 -17.34 4.21 15.35
N PHE A 178 -16.17 4.06 15.96
CA PHE A 178 -15.31 2.85 15.91
C PHE A 178 -15.81 1.82 16.92
N ARG A 179 -16.13 2.27 18.13
CA ARG A 179 -16.60 1.41 19.26
C ARG A 179 -17.83 0.61 18.78
N GLY A 180 -18.77 1.26 18.08
CA GLY A 180 -19.96 0.60 17.50
C GLY A 180 -19.75 0.15 16.06
N ARG A 181 -18.51 -0.24 15.70
CA ARG A 181 -18.14 -0.79 14.36
C ARG A 181 -17.01 -1.81 14.54
N THR A 182 -16.83 -2.73 13.58
CA THR A 182 -15.79 -3.81 13.66
C THR A 182 -14.41 -3.16 13.55
N GLN A 183 -13.54 -3.46 14.52
CA GLN A 183 -12.16 -2.95 14.60
C GLN A 183 -11.16 -4.09 14.35
N GLN A 184 -11.64 -5.29 13.99
CA GLN A 184 -10.77 -6.44 13.60
C GLN A 184 -11.20 -6.93 12.21
N ALA A 185 -10.26 -7.50 11.45
CA ALA A 185 -10.49 -8.11 10.12
C ALA A 185 -9.29 -8.99 9.76
N SER A 186 -9.54 -10.02 8.97
CA SER A 186 -8.52 -11.01 8.55
C SER A 186 -8.90 -11.46 7.13
N VAL A 187 -7.97 -11.36 6.19
CA VAL A 187 -8.28 -11.58 4.75
C VAL A 187 -7.18 -12.46 4.16
N ASP A 188 -7.53 -13.67 3.73
CA ASP A 188 -6.65 -14.59 2.95
C ASP A 188 -6.84 -14.26 1.48
N PHE A 189 -5.84 -13.69 0.83
CA PHE A 189 -5.98 -13.15 -0.55
C PHE A 189 -5.93 -14.27 -1.60
N SER A 190 -5.63 -15.51 -1.22
CA SER A 190 -5.72 -16.64 -2.20
C SER A 190 -7.18 -17.07 -2.34
N SER A 191 -8.03 -16.73 -1.37
CA SER A 191 -9.45 -17.15 -1.37
C SER A 191 -10.39 -15.94 -1.35
N THR A 192 -9.90 -14.72 -1.11
CA THR A 192 -10.71 -13.48 -1.04
C THR A 192 -10.11 -12.41 -1.94
N SER A 193 -10.95 -11.73 -2.73
CA SER A 193 -10.59 -10.70 -3.71
C SER A 193 -10.06 -9.44 -3.00
N PHE A 194 -8.78 -9.14 -3.13
CA PHE A 194 -8.24 -7.79 -2.83
C PHE A 194 -9.15 -6.73 -3.46
N VAL A 195 -9.37 -6.86 -4.78
CA VAL A 195 -10.16 -5.88 -5.57
C VAL A 195 -11.48 -5.63 -4.86
N LYS A 196 -12.27 -6.68 -4.57
CA LYS A 196 -13.66 -6.51 -4.08
C LYS A 196 -13.66 -6.18 -2.58
N GLU A 197 -12.81 -6.83 -1.78
CA GLU A 197 -12.98 -6.82 -0.31
C GLU A 197 -12.16 -5.71 0.35
N VAL A 198 -11.12 -5.16 -0.31
CA VAL A 198 -10.10 -4.28 0.33
C VAL A 198 -9.92 -2.97 -0.46
N SER A 199 -9.74 -3.03 -1.80
CA SER A 199 -9.26 -1.88 -2.62
C SER A 199 -10.11 -0.62 -2.46
N ARG A 200 -11.42 -0.73 -2.15
CA ARG A 200 -12.33 0.45 -2.12
C ARG A 200 -12.30 1.10 -0.72
N ALA A 201 -11.53 0.55 0.22
CA ALA A 201 -11.47 1.06 1.61
C ALA A 201 -10.69 2.38 1.66
N ARG A 202 -11.32 3.47 2.09
CA ARG A 202 -10.72 4.83 2.04
C ARG A 202 -9.98 5.18 3.34
N THR A 203 -8.94 6.00 3.23
CA THR A 203 -8.33 6.72 4.37
C THR A 203 -9.41 7.46 5.14
N PHE A 204 -9.08 7.86 6.36
CA PHE A 204 -9.98 8.51 7.35
C PHE A 204 -9.17 9.48 8.20
N GLY A 205 -9.86 10.52 8.67
CA GLY A 205 -9.32 11.53 9.59
C GLY A 205 -10.40 12.10 10.50
N PHE A 206 -10.01 12.48 11.70
CA PHE A 206 -10.90 13.10 12.71
C PHE A 206 -10.96 14.61 12.45
N MET A 207 -12.17 15.15 12.44
CA MET A 207 -12.45 16.59 12.25
C MET A 207 -11.55 17.44 13.18
N ARG A 208 -11.26 16.97 14.40
CA ARG A 208 -10.46 17.73 15.39
C ARG A 208 -8.99 17.82 14.94
N ASP A 209 -8.43 16.71 14.46
CA ASP A 209 -7.03 16.65 13.95
C ASP A 209 -6.90 17.52 12.69
N ILE A 210 -7.89 17.46 11.81
CA ILE A 210 -7.88 18.12 10.47
C ILE A 210 -7.72 19.63 10.67
N GLU A 211 -8.46 20.19 11.62
CA GLU A 211 -8.36 21.61 12.04
C GLU A 211 -6.89 21.93 12.33
N TYR A 212 -6.25 21.17 13.21
CA TYR A 212 -4.82 21.35 13.60
C TYR A 212 -3.88 21.10 12.41
N LEU A 213 -4.04 19.99 11.67
CA LEU A 213 -3.10 19.63 10.57
C LEU A 213 -3.04 20.74 9.52
N ARG A 214 -4.18 21.33 9.16
CA ARG A 214 -4.28 22.46 8.20
C ARG A 214 -3.39 23.60 8.68
N SER A 215 -3.55 23.96 9.96
CA SER A 215 -2.72 24.92 10.72
C SER A 215 -1.24 24.69 10.39
N GLN A 216 -0.79 23.43 10.36
CA GLN A 216 0.63 23.05 10.09
C GLN A 216 0.85 22.72 8.60
N ASN A 217 -0.02 23.19 7.69
CA ASN A 217 0.09 22.89 6.24
C ASN A 217 0.24 21.38 6.02
N LEU A 218 -0.55 20.57 6.71
CA LEU A 218 -0.78 19.15 6.32
C LEU A 218 -2.25 18.98 5.93
N ALA A 219 -2.59 17.86 5.29
CA ALA A 219 -3.96 17.49 4.86
C ALA A 219 -4.60 18.56 3.95
N LEU A 220 -3.81 19.32 3.18
CA LEU A 220 -4.30 20.49 2.42
C LEU A 220 -5.21 20.05 1.26
N GLY A 221 -5.12 18.80 0.80
CA GLY A 221 -6.03 18.28 -0.24
C GLY A 221 -7.20 17.48 0.31
N GLY A 222 -7.33 17.35 1.64
CA GLY A 222 -8.38 16.51 2.26
C GLY A 222 -9.77 17.06 2.05
N SER A 223 -10.74 16.21 1.70
CA SER A 223 -12.18 16.52 1.54
C SER A 223 -12.96 15.23 1.66
N VAL A 224 -14.29 15.33 1.75
CA VAL A 224 -15.20 14.16 1.70
C VAL A 224 -14.99 13.40 0.38
N GLU A 225 -14.43 14.05 -0.65
CA GLU A 225 -14.20 13.43 -1.99
C GLU A 225 -13.10 12.37 -1.91
N ASN A 226 -12.20 12.44 -0.92
CA ASN A 226 -11.01 11.52 -0.88
C ASN A 226 -10.69 11.01 0.52
N ALA A 227 -11.55 11.22 1.52
CA ALA A 227 -11.34 10.73 2.90
C ALA A 227 -12.68 10.54 3.62
N ILE A 228 -12.73 9.57 4.53
CA ILE A 228 -13.84 9.45 5.51
C ILE A 228 -13.55 10.51 6.58
N VAL A 229 -14.39 11.53 6.67
CA VAL A 229 -14.28 12.62 7.69
C VAL A 229 -15.20 12.28 8.87
N VAL A 230 -14.63 12.04 10.05
CA VAL A 230 -15.34 11.64 11.30
C VAL A 230 -15.29 12.82 12.26
N ASP A 231 -16.39 13.19 12.90
CA ASP A 231 -16.36 14.22 13.99
C ASP A 231 -16.47 13.46 15.31
N GLU A 232 -17.00 14.10 16.35
CA GLU A 232 -17.19 13.51 17.70
C GLU A 232 -17.92 12.16 17.55
N ASN A 233 -19.00 12.10 16.76
CA ASN A 233 -20.00 11.01 16.87
C ASN A 233 -20.09 10.18 15.59
N ARG A 234 -20.00 10.79 14.41
CA ARG A 234 -20.41 10.09 13.16
C ARG A 234 -19.53 10.49 11.98
N VAL A 235 -19.55 9.61 10.99
CA VAL A 235 -19.06 9.85 9.60
C VAL A 235 -19.86 11.03 9.05
N LEU A 236 -19.18 12.06 8.55
CA LEU A 236 -19.84 13.25 7.96
C LEU A 236 -20.16 13.00 6.47
N ASN A 237 -19.37 12.16 5.78
CA ASN A 237 -19.64 11.82 4.37
C ASN A 237 -21.13 11.48 4.22
N GLU A 238 -21.86 12.26 3.43
CA GLU A 238 -23.31 12.07 3.16
C GLU A 238 -23.64 10.60 2.83
N ASP A 239 -22.84 9.94 2.00
CA ASP A 239 -23.17 8.58 1.49
C ASP A 239 -22.65 7.50 2.45
N GLY A 240 -21.98 7.86 3.55
CA GLY A 240 -21.57 6.92 4.62
C GLY A 240 -20.38 6.03 4.24
N LEU A 241 -20.38 4.75 4.68
CA LEU A 241 -19.22 3.83 4.54
C LEU A 241 -19.46 2.88 3.37
N ARG A 242 -18.39 2.36 2.78
CA ARG A 242 -18.44 1.38 1.68
C ARG A 242 -18.50 -0.05 2.24
N TYR A 243 -17.96 -0.27 3.42
CA TYR A 243 -17.93 -1.56 4.16
C TYR A 243 -18.23 -1.22 5.63
N GLU A 244 -18.89 -2.09 6.38
CA GLU A 244 -19.13 -1.91 7.85
C GLU A 244 -17.80 -1.70 8.58
N ASP A 245 -16.75 -2.43 8.15
CA ASP A 245 -15.38 -2.40 8.72
C ASP A 245 -14.40 -1.68 7.77
N GLU A 246 -14.78 -0.51 7.24
CA GLU A 246 -13.94 0.18 6.23
C GLU A 246 -12.61 0.61 6.86
N PHE A 247 -12.66 1.13 8.08
CA PHE A 247 -11.48 1.67 8.79
C PHE A 247 -10.41 0.57 8.89
N VAL A 248 -10.71 -0.58 9.48
CA VAL A 248 -9.70 -1.65 9.62
C VAL A 248 -9.33 -2.16 8.23
N LYS A 249 -10.26 -2.18 7.28
CA LYS A 249 -9.98 -2.59 5.87
C LYS A 249 -8.96 -1.63 5.24
N HIS A 250 -9.07 -0.33 5.49
CA HIS A 250 -8.08 0.65 5.00
C HIS A 250 -6.68 0.39 5.60
N LYS A 251 -6.62 0.06 6.89
CA LYS A 251 -5.36 -0.29 7.59
C LYS A 251 -4.74 -1.52 6.91
N ILE A 252 -5.52 -2.51 6.49
CA ILE A 252 -4.97 -3.69 5.76
C ILE A 252 -4.39 -3.23 4.42
N LEU A 253 -5.10 -2.32 3.74
CA LEU A 253 -4.67 -1.75 2.43
C LEU A 253 -3.33 -1.04 2.63
N ASP A 254 -3.21 -0.22 3.69
CA ASP A 254 -1.95 0.54 3.98
C ASP A 254 -0.81 -0.46 4.20
N ALA A 255 -1.06 -1.54 4.95
CA ALA A 255 -0.05 -2.55 5.30
C ALA A 255 0.44 -3.26 4.04
N ILE A 256 -0.47 -3.55 3.12
CA ILE A 256 -0.11 -4.29 1.88
C ILE A 256 0.79 -3.39 1.03
N GLY A 257 0.52 -2.09 0.97
CA GLY A 257 1.42 -1.08 0.38
C GLY A 257 2.81 -1.10 0.99
N ASP A 258 2.92 -1.00 2.33
CA ASP A 258 4.22 -1.01 3.06
C ASP A 258 4.95 -2.35 2.82
N LEU A 259 4.22 -3.46 2.83
CA LEU A 259 4.81 -4.81 2.63
C LEU A 259 5.53 -4.85 1.28
N TYR A 260 5.03 -4.12 0.28
CA TYR A 260 5.57 -4.19 -1.11
C TYR A 260 6.94 -3.52 -1.20
N LEU A 261 7.33 -2.72 -0.20
CA LEU A 261 8.68 -2.11 -0.13
C LEU A 261 9.74 -3.20 0.08
N LEU A 262 9.34 -4.42 0.44
CA LEU A 262 10.26 -5.60 0.51
C LEU A 262 10.90 -5.81 -0.85
N GLY A 263 10.21 -5.41 -1.93
CA GLY A 263 10.72 -5.52 -3.31
C GLY A 263 10.37 -6.86 -3.96
N ASN A 264 9.67 -7.75 -3.25
CA ASN A 264 9.11 -9.02 -3.81
C ASN A 264 7.79 -9.38 -3.11
N SER A 265 6.92 -10.12 -3.78
CA SER A 265 5.66 -10.64 -3.20
C SER A 265 6.00 -11.63 -2.07
N LEU A 266 5.22 -11.56 -1.00
CA LEU A 266 5.40 -12.33 0.26
C LEU A 266 4.58 -13.61 0.22
N ILE A 267 5.14 -14.68 0.77
CA ILE A 267 4.37 -15.89 1.11
C ILE A 267 4.43 -15.99 2.62
N GLY A 268 3.35 -15.65 3.28
CA GLY A 268 3.37 -15.50 4.75
C GLY A 268 2.13 -14.74 5.17
N GLU A 269 2.02 -14.51 6.47
CA GLU A 269 0.92 -13.81 7.14
C GLU A 269 1.49 -12.58 7.84
N PHE A 270 0.80 -11.46 7.71
CA PHE A 270 1.04 -10.21 8.48
C PHE A 270 -0.12 -10.05 9.47
N ARG A 271 0.21 -9.80 10.74
CA ARG A 271 -0.73 -9.48 11.84
C ARG A 271 -0.30 -8.13 12.41
N GLY A 272 -1.20 -7.13 12.34
CA GLY A 272 -1.03 -5.78 12.90
C GLY A 272 -1.94 -5.60 14.09
N PHE A 273 -1.38 -5.16 15.21
CA PHE A 273 -2.15 -4.72 16.40
C PHE A 273 -1.82 -3.25 16.62
N LYS A 274 -2.73 -2.34 16.23
CA LYS A 274 -2.59 -0.87 16.26
C LYS A 274 -1.32 -0.42 15.54
N SER A 275 -0.76 -1.25 14.65
CA SER A 275 0.52 -0.95 13.96
C SER A 275 0.30 0.19 12.95
N GLY A 276 1.37 0.85 12.52
CA GLY A 276 1.30 1.92 11.52
C GLY A 276 2.48 1.86 10.59
N HIS A 277 2.71 2.94 9.82
CA HIS A 277 3.82 3.03 8.84
C HIS A 277 5.16 2.81 9.55
N ALA A 278 5.37 3.44 10.71
CA ALA A 278 6.68 3.39 11.42
C ALA A 278 6.96 1.94 11.85
N LEU A 279 6.03 1.29 12.53
CA LEU A 279 6.26 -0.10 13.01
C LEU A 279 6.25 -1.07 11.83
N ASN A 280 5.44 -0.82 10.81
CA ASN A 280 5.41 -1.69 9.61
C ASN A 280 6.83 -1.71 9.03
N ASN A 281 7.45 -0.53 8.99
CA ASN A 281 8.77 -0.32 8.37
C ASN A 281 9.83 -0.98 9.24
N GLN A 282 9.70 -0.90 10.58
CA GLN A 282 10.56 -1.58 11.59
C GLN A 282 10.51 -3.09 11.28
N LEU A 283 9.30 -3.61 11.05
CA LEU A 283 9.10 -5.07 10.83
C LEU A 283 9.79 -5.44 9.52
N LEU A 284 9.63 -4.65 8.47
CA LEU A 284 10.30 -4.96 7.18
C LEU A 284 11.81 -5.03 7.41
N ARG A 285 12.37 -4.05 8.12
CA ARG A 285 13.84 -3.94 8.33
C ARG A 285 14.30 -5.15 9.15
N THR A 286 13.57 -5.47 10.22
CA THR A 286 13.91 -6.61 11.09
C THR A 286 13.83 -7.92 10.27
N LEU A 287 12.83 -8.04 9.38
CA LEU A 287 12.69 -9.25 8.53
C LEU A 287 13.89 -9.30 7.59
N ILE A 288 14.22 -8.20 6.91
CA ILE A 288 15.33 -8.18 5.90
C ILE A 288 16.62 -8.61 6.61
N ALA A 289 16.89 -8.04 7.80
CA ALA A 289 18.14 -8.26 8.57
C ALA A 289 18.28 -9.71 9.06
N ASP A 290 17.17 -10.43 9.27
CA ASP A 290 17.18 -11.80 9.86
C ASP A 290 17.05 -12.83 8.73
N LYS A 291 18.15 -13.10 8.04
CA LYS A 291 18.11 -13.91 6.80
C LYS A 291 17.71 -15.35 7.11
N ASP A 292 17.76 -15.78 8.38
CA ASP A 292 17.27 -17.12 8.79
C ASP A 292 15.73 -17.19 8.68
N ALA A 293 15.05 -16.04 8.78
CA ALA A 293 13.57 -15.97 8.88
C ALA A 293 12.89 -16.01 7.50
N TRP A 294 13.59 -15.86 6.39
CA TRP A 294 12.99 -15.85 5.02
C TRP A 294 13.94 -16.46 4.00
N GLU A 295 13.40 -16.82 2.83
CA GLU A 295 14.16 -17.27 1.64
C GLU A 295 13.44 -16.70 0.42
N VAL A 296 14.15 -16.62 -0.70
CA VAL A 296 13.55 -16.26 -2.02
C VAL A 296 13.24 -17.59 -2.70
N VAL A 297 12.05 -17.71 -3.29
CA VAL A 297 11.61 -18.94 -4.00
C VAL A 297 10.89 -18.52 -5.28
N THR A 298 10.98 -19.37 -6.29
CA THR A 298 10.24 -19.29 -7.56
C THR A 298 9.44 -20.58 -7.71
N PHE A 299 8.55 -20.63 -8.70
CA PHE A 299 7.58 -21.73 -8.91
C PHE A 299 7.53 -22.10 -10.38
N GLU A 300 8.06 -23.28 -10.73
CA GLU A 300 8.02 -23.81 -12.11
C GLU A 300 6.58 -24.24 -12.45
N ASP A 301 5.72 -24.43 -11.46
CA ASP A 301 4.35 -24.95 -11.67
C ASP A 301 3.34 -24.17 -10.81
N ALA A 302 2.69 -23.18 -11.42
CA ALA A 302 1.66 -22.32 -10.79
C ALA A 302 0.56 -23.19 -10.18
N ARG A 303 0.25 -24.34 -10.80
CA ARG A 303 -0.91 -25.19 -10.43
C ARG A 303 -0.76 -25.65 -8.99
N THR A 304 0.48 -25.84 -8.51
CA THR A 304 0.82 -26.40 -7.16
C THR A 304 1.25 -25.30 -6.17
N ALA A 305 1.55 -24.07 -6.61
CA ALA A 305 2.06 -22.98 -5.75
C ALA A 305 1.01 -22.52 -4.75
N PRO A 306 1.38 -21.99 -3.57
CA PRO A 306 0.40 -21.55 -2.58
C PRO A 306 -0.32 -20.22 -2.87
N ILE A 307 0.08 -19.54 -3.94
CA ILE A 307 -0.52 -18.25 -4.40
C ILE A 307 -0.91 -18.42 -5.87
N SER A 308 -1.91 -17.68 -6.33
CA SER A 308 -2.38 -17.66 -7.74
C SER A 308 -2.67 -16.23 -8.19
N TYR A 309 -2.70 -15.99 -9.51
CA TYR A 309 -2.96 -14.65 -10.08
C TYR A 309 -4.19 -14.72 -10.99
N MET A 310 -4.96 -13.62 -11.00
CA MET A 310 -5.95 -13.29 -12.07
C MET A 310 -5.21 -13.39 -13.42
N ARG A 311 -5.92 -13.76 -14.49
CA ARG A 311 -5.39 -13.76 -15.88
C ARG A 311 -4.83 -12.36 -16.17
N PRO A 312 -3.78 -12.23 -17.01
CA PRO A 312 -3.18 -10.92 -17.31
C PRO A 312 -4.19 -9.83 -17.74
#